data_1PRY
#
_entry.id   1PRY
#
_cell.length_a   43.967
_cell.length_b   62.082
_cell.length_c   103.363
_cell.angle_alpha   90.00
_cell.angle_beta   90.00
_cell.angle_gamma   90.00
#
_symmetry.space_group_name_H-M   'P 21 21 21'
#
loop_
_entity.id
_entity.type
_entity.pdbx_description
1 polymer 'Fibrillarin-like pre-rRNA processing protein'
2 water water
#
_entity_poly.entity_id   1
_entity_poly.type   'polypeptide(L)'
_entity_poly.pdbx_seq_one_letter_code
;MVEVKKHKFPGVYVVIDDDGSEKIATKNLVPGQRVYGERVIKWEGEEYRIWNPHRSKLGAAIVNGLKNFPIKPGKSVLYL
GIASGTTASHVSDIVGWEGKIYGIEFSPRVLRELVPIVEERRNIIPILGDATKPEEYRALVTKVDVIFEDVAQPTQAKIL
IDNAKAYLKRGGYGMIAVKSRSIDVTKEPEQVFKEVERLLSEYFEVIERLNLEPYEKDHALFVVRKP
;
_entity_poly.pdbx_strand_id   A
#
# COMPACT_ATOMS: atom_id res chain seq x y z
N VAL A 2 -11.20 12.03 -23.19
CA VAL A 2 -10.77 11.63 -21.81
C VAL A 2 -10.59 12.83 -20.89
N GLU A 3 -11.16 12.74 -19.69
CA GLU A 3 -11.02 13.81 -18.69
C GLU A 3 -10.41 13.31 -17.36
N VAL A 4 -9.66 14.17 -16.70
CA VAL A 4 -9.07 13.86 -15.40
C VAL A 4 -9.58 14.87 -14.38
N LYS A 5 -10.13 14.37 -13.29
CA LYS A 5 -10.53 15.22 -12.16
C LYS A 5 -9.96 14.68 -10.85
N LYS A 6 -10.12 15.43 -9.76
CA LYS A 6 -9.62 15.03 -8.45
C LYS A 6 -10.57 14.08 -7.73
N HIS A 7 -10.00 12.97 -7.24
CA HIS A 7 -10.65 12.05 -6.34
C HIS A 7 -10.76 12.74 -4.98
N LYS A 8 -11.65 12.22 -4.13
CA LYS A 8 -11.78 12.66 -2.74
C LYS A 8 -10.45 12.60 -1.98
N PHE A 9 -9.64 11.56 -2.23
CA PHE A 9 -8.32 11.43 -1.60
C PHE A 9 -7.25 12.25 -2.32
N PRO A 10 -6.51 13.09 -1.56
CA PRO A 10 -5.42 13.88 -2.15
C PRO A 10 -4.31 13.03 -2.80
N GLY A 11 -3.99 13.41 -4.04
CA GLY A 11 -3.00 12.74 -4.86
C GLY A 11 -3.57 11.58 -5.67
N VAL A 12 -4.87 11.37 -5.53
CA VAL A 12 -5.57 10.36 -6.31
C VAL A 12 -6.47 11.11 -7.29
N TYR A 13 -6.59 10.57 -8.50
CA TYR A 13 -7.39 11.19 -9.56
C TYR A 13 -8.41 10.22 -10.15
N VAL A 14 -9.50 10.81 -10.66
CA VAL A 14 -10.53 10.07 -11.38
C VAL A 14 -10.37 10.38 -12.88
N VAL A 15 -10.18 9.33 -13.67
CA VAL A 15 -10.17 9.41 -15.13
C VAL A 15 -11.54 8.98 -15.68
N ILE A 16 -12.16 9.85 -16.49
CA ILE A 16 -13.43 9.52 -17.15
C ILE A 16 -13.18 9.33 -18.64
N ASP A 17 -13.37 8.10 -19.12
CA ASP A 17 -13.15 7.76 -20.52
C ASP A 17 -14.31 8.26 -21.40
N ASP A 18 -14.07 8.29 -22.71
CA ASP A 18 -15.01 8.86 -23.69
C ASP A 18 -16.47 8.39 -23.51
N ASP A 19 -16.64 7.13 -23.08
CA ASP A 19 -17.95 6.54 -22.83
C ASP A 19 -18.53 6.79 -21.43
N GLY A 20 -17.90 7.69 -20.66
CA GLY A 20 -18.41 8.06 -19.35
C GLY A 20 -18.09 7.12 -18.19
N SER A 21 -17.37 6.03 -18.49
CA SER A 21 -16.92 5.11 -17.45
C SER A 21 -15.75 5.72 -16.65
N GLU A 22 -15.58 5.24 -15.42
CA GLU A 22 -14.60 5.85 -14.51
C GLU A 22 -13.48 4.92 -14.02
N LYS A 23 -12.28 5.48 -13.97
CA LYS A 23 -11.08 4.79 -13.51
C LYS A 23 -10.40 5.66 -12.44
N ILE A 24 -9.57 5.05 -11.59
CA ILE A 24 -8.71 5.84 -10.71
C ILE A 24 -7.28 5.89 -11.24
N ALA A 25 -6.51 6.88 -10.75
CA ALA A 25 -5.19 7.16 -11.26
C ALA A 25 -4.39 7.98 -10.25
N THR A 26 -3.06 7.97 -10.39
CA THR A 26 -2.19 8.91 -9.67
C THR A 26 -1.41 9.75 -10.67
N LYS A 27 -0.76 10.83 -10.21
CA LYS A 27 0.03 11.68 -11.09
C LYS A 27 1.40 11.06 -11.15
N ASN A 28 1.91 10.81 -12.36
CA ASN A 28 3.23 10.20 -12.57
C ASN A 28 4.31 11.07 -11.95
N LEU A 29 5.00 10.52 -10.95
CA LEU A 29 6.16 11.17 -10.36
C LEU A 29 7.31 11.29 -11.35
N VAL A 30 7.38 10.32 -12.27
CA VAL A 30 8.50 10.24 -13.21
C VAL A 30 8.00 10.35 -14.67
N PRO A 31 7.68 11.56 -15.15
CA PRO A 31 7.27 11.76 -16.54
C PRO A 31 8.10 10.97 -17.55
N GLY A 32 7.40 10.37 -18.52
CA GLY A 32 8.04 9.62 -19.59
C GLY A 32 8.19 8.15 -19.28
N GLN A 33 8.18 7.81 -17.99
CA GLN A 33 8.38 6.43 -17.56
C GLN A 33 7.08 5.59 -17.66
N ARG A 34 7.22 4.33 -18.11
CA ARG A 34 6.10 3.36 -18.21
C ARG A 34 6.55 1.93 -17.83
N VAL A 35 7.12 1.75 -16.63
CA VAL A 35 7.83 0.50 -16.30
C VAL A 35 6.98 -0.78 -16.21
N TYR A 36 5.67 -0.62 -16.04
CA TYR A 36 4.73 -1.73 -15.96
C TYR A 36 3.95 -1.87 -17.25
N GLY A 37 4.36 -1.07 -18.26
CA GLY A 37 3.57 -0.88 -19.46
C GLY A 37 2.12 -0.55 -19.12
N GLU A 38 1.94 0.34 -18.15
CA GLU A 38 0.64 0.73 -17.65
C GLU A 38 0.06 1.75 -18.61
N ARG A 39 -1.22 2.02 -18.46
CA ARG A 39 -1.88 3.05 -19.24
C ARG A 39 -1.62 4.43 -18.62
N VAL A 40 -0.98 5.31 -19.38
CA VAL A 40 -0.72 6.69 -18.95
C VAL A 40 -1.55 7.70 -19.77
N ILE A 41 -2.26 8.59 -19.07
CA ILE A 41 -3.09 9.63 -19.66
C ILE A 41 -2.34 10.97 -19.62
N LYS A 42 -2.16 11.61 -20.77
CA LYS A 42 -1.59 12.97 -20.83
C LYS A 42 -2.73 13.97 -20.70
N TRP A 43 -2.60 14.90 -19.76
CA TRP A 43 -3.67 15.83 -19.42
C TRP A 43 -3.09 17.13 -18.85
N GLU A 44 -3.45 18.26 -19.47
CA GLU A 44 -2.93 19.59 -19.12
C GLU A 44 -1.43 19.61 -18.87
N GLY A 45 -0.69 18.93 -19.73
CA GLY A 45 0.75 18.87 -19.62
C GLY A 45 1.35 17.90 -18.60
N GLU A 46 0.49 17.20 -17.85
CA GLU A 46 0.94 16.19 -16.88
C GLU A 46 0.53 14.76 -17.27
N GLU A 47 1.19 13.77 -16.68
CA GLU A 47 0.86 12.37 -16.94
C GLU A 47 0.12 11.78 -15.74
N TYR A 48 -0.87 10.93 -16.03
CA TYR A 48 -1.64 10.24 -15.02
C TYR A 48 -1.61 8.75 -15.29
N ARG A 49 -1.13 8.00 -14.29
CA ARG A 49 -1.02 6.55 -14.41
C ARG A 49 -2.30 5.91 -13.90
N ILE A 50 -2.98 5.16 -14.77
CA ILE A 50 -4.18 4.44 -14.37
C ILE A 50 -3.87 3.39 -13.30
N TRP A 51 -4.62 3.43 -12.21
CA TRP A 51 -4.36 2.58 -11.06
C TRP A 51 -5.27 1.37 -11.21
N ASN A 52 -4.68 0.26 -11.65
CA ASN A 52 -5.42 -0.98 -11.96
C ASN A 52 -5.73 -1.82 -10.70
N PRO A 53 -7.00 -1.94 -10.30
CA PRO A 53 -7.35 -2.73 -9.11
C PRO A 53 -7.02 -4.24 -9.22
N HIS A 54 -6.78 -4.73 -10.44
CA HIS A 54 -6.32 -6.10 -10.64
C HIS A 54 -4.83 -6.27 -10.39
N ARG A 55 -4.07 -5.17 -10.35
CA ARG A 55 -2.63 -5.27 -10.11
C ARG A 55 -2.27 -4.66 -8.75
N SER A 56 -3.23 -4.06 -8.07
CA SER A 56 -2.89 -3.40 -6.81
C SER A 56 -4.04 -3.61 -5.84
N LYS A 57 -3.71 -4.27 -4.72
CA LYS A 57 -4.70 -4.54 -3.68
C LYS A 57 -5.23 -3.25 -3.09
N LEU A 58 -4.36 -2.24 -2.97
CA LEU A 58 -4.77 -0.92 -2.50
C LEU A 58 -5.67 -0.21 -3.51
N GLY A 59 -5.32 -0.35 -4.80
CA GLY A 59 -6.19 0.13 -5.87
C GLY A 59 -7.60 -0.46 -5.78
N ALA A 60 -7.66 -1.78 -5.63
CA ALA A 60 -8.89 -2.51 -5.34
C ALA A 60 -9.68 -1.96 -4.14
N ALA A 61 -9.00 -1.77 -3.00
CA ALA A 61 -9.66 -1.20 -1.84
C ALA A 61 -10.32 0.16 -2.18
N ILE A 62 -9.58 1.04 -2.85
CA ILE A 62 -10.11 2.35 -3.19
C ILE A 62 -11.34 2.27 -4.12
N VAL A 63 -11.20 1.54 -5.23
CA VAL A 63 -12.32 1.25 -6.15
C VAL A 63 -13.52 0.70 -5.36
N ASN A 64 -13.26 -0.14 -4.36
CA ASN A 64 -14.31 -0.76 -3.54
C ASN A 64 -14.91 0.13 -2.47
N GLY A 65 -14.46 1.38 -2.41
CA GLY A 65 -15.07 2.39 -1.55
C GLY A 65 -14.40 2.63 -0.21
N LEU A 66 -13.09 2.36 -0.13
CA LEU A 66 -12.29 2.67 1.06
C LEU A 66 -12.58 4.10 1.53
N LYS A 67 -12.92 4.26 2.80
CA LYS A 67 -13.21 5.59 3.36
C LYS A 67 -12.01 6.30 4.01
N ASN A 68 -11.13 5.54 4.66
CA ASN A 68 -9.97 6.13 5.33
C ASN A 68 -8.68 5.77 4.62
N PHE A 69 -7.99 6.78 4.11
CA PHE A 69 -6.78 6.59 3.35
C PHE A 69 -5.72 7.55 3.88
N PRO A 70 -4.90 7.04 4.80
CA PRO A 70 -3.89 7.87 5.48
C PRO A 70 -2.61 8.13 4.70
N ILE A 71 -2.44 7.48 3.55
CA ILE A 71 -1.35 7.81 2.66
C ILE A 71 -1.75 9.06 1.84
N LYS A 72 -0.94 10.11 1.97
CA LYS A 72 -1.22 11.45 1.42
C LYS A 72 0.11 12.10 1.04
N PRO A 73 0.10 13.14 0.19
CA PRO A 73 1.32 13.84 -0.21
C PRO A 73 2.15 14.24 1.00
N GLY A 74 3.46 14.01 0.95
CA GLY A 74 4.37 14.42 2.00
C GLY A 74 4.49 13.46 3.17
N LYS A 75 3.67 12.40 3.20
CA LYS A 75 3.73 11.43 4.30
C LYS A 75 4.94 10.47 4.20
N SER A 76 5.41 9.96 5.33
CA SER A 76 6.44 8.94 5.35
C SER A 76 5.76 7.59 5.56
N VAL A 77 6.21 6.58 4.83
CA VAL A 77 5.54 5.28 4.82
C VAL A 77 6.55 4.16 5.06
N LEU A 78 6.27 3.28 6.03
CA LEU A 78 7.03 2.04 6.13
C LEU A 78 6.25 0.96 5.38
N TYR A 79 6.81 0.49 4.28
CA TYR A 79 6.08 -0.39 3.38
C TYR A 79 6.65 -1.80 3.49
N LEU A 80 5.87 -2.70 4.10
CA LEU A 80 6.28 -4.10 4.25
C LEU A 80 5.73 -4.90 3.10
N GLY A 81 6.61 -5.41 2.22
CA GLY A 81 6.15 -6.18 1.06
C GLY A 81 6.06 -5.37 -0.23
N ILE A 82 6.98 -4.44 -0.40
CA ILE A 82 6.93 -3.45 -1.46
C ILE A 82 6.99 -3.99 -2.92
N ALA A 83 7.56 -5.17 -3.15
CA ALA A 83 7.71 -5.68 -4.52
C ALA A 83 6.43 -6.19 -5.17
N SER A 84 5.37 -6.40 -4.38
CA SER A 84 4.12 -6.99 -4.89
C SER A 84 3.18 -6.00 -5.61
N GLY A 85 2.78 -6.35 -6.83
CA GLY A 85 1.88 -5.53 -7.62
C GLY A 85 2.44 -4.18 -8.11
N THR A 86 1.54 -3.24 -8.37
CA THR A 86 1.95 -1.90 -8.80
C THR A 86 1.81 -0.85 -7.68
N THR A 87 1.37 -1.30 -6.51
CA THR A 87 1.03 -0.41 -5.39
C THR A 87 2.14 0.58 -4.97
N ALA A 88 3.37 0.10 -4.90
CA ALA A 88 4.48 0.94 -4.48
C ALA A 88 4.65 2.14 -5.42
N SER A 89 4.50 1.90 -6.73
CA SER A 89 4.59 2.97 -7.70
C SER A 89 3.55 4.06 -7.49
N HIS A 90 2.31 3.66 -7.21
CA HIS A 90 1.22 4.58 -6.92
C HIS A 90 1.38 5.28 -5.57
N VAL A 91 1.81 4.53 -4.56
CA VAL A 91 2.09 5.13 -3.25
C VAL A 91 3.18 6.22 -3.38
N SER A 92 4.22 5.93 -4.15
CA SER A 92 5.31 6.85 -4.48
C SER A 92 4.81 8.11 -5.20
N ASP A 93 3.89 7.94 -6.16
CA ASP A 93 3.28 9.08 -6.86
C ASP A 93 2.54 9.95 -5.84
N ILE A 94 1.73 9.28 -5.00
CA ILE A 94 0.90 9.98 -4.01
C ILE A 94 1.72 10.76 -2.97
N VAL A 95 2.70 10.12 -2.34
CA VAL A 95 3.45 10.81 -1.30
C VAL A 95 4.33 11.92 -1.89
N GLY A 96 4.74 11.75 -3.15
CA GLY A 96 5.54 12.78 -3.83
C GLY A 96 6.96 12.90 -3.30
N TRP A 97 7.67 13.92 -3.81
CA TRP A 97 9.08 14.13 -3.49
C TRP A 97 9.36 14.62 -2.05
N GLU A 98 8.35 15.16 -1.38
CA GLU A 98 8.49 15.60 0.02
C GLU A 98 8.18 14.46 1.01
N GLY A 99 7.67 13.34 0.50
CA GLY A 99 7.40 12.19 1.34
C GLY A 99 8.49 11.17 1.15
N LYS A 100 8.35 10.03 1.81
CA LYS A 100 9.37 9.00 1.80
C LYS A 100 8.73 7.62 2.05
N ILE A 101 9.29 6.58 1.45
CA ILE A 101 8.82 5.21 1.59
C ILE A 101 10.02 4.29 1.84
N TYR A 102 10.03 3.67 3.01
CA TYR A 102 11.01 2.66 3.32
C TYR A 102 10.38 1.34 2.89
N GLY A 103 10.99 0.66 1.92
CA GLY A 103 10.44 -0.56 1.37
C GLY A 103 11.23 -1.77 1.88
N ILE A 104 10.55 -2.66 2.63
CA ILE A 104 11.21 -3.81 3.21
C ILE A 104 10.90 -5.08 2.42
N GLU A 105 11.96 -5.76 1.99
CA GLU A 105 11.81 -7.07 1.35
C GLU A 105 12.80 -8.01 1.98
N PHE A 106 12.39 -9.27 2.13
CA PHE A 106 13.21 -10.33 2.75
C PHE A 106 14.23 -10.98 1.78
N SER A 107 13.80 -11.24 0.57
CA SER A 107 14.58 -11.92 -0.47
C SER A 107 15.56 -11.00 -1.22
N PRO A 108 16.87 -11.34 -1.23
CA PRO A 108 17.87 -10.60 -2.03
C PRO A 108 17.58 -10.63 -3.53
N ARG A 109 16.92 -11.69 -4.00
CA ARG A 109 16.52 -11.81 -5.41
C ARG A 109 15.41 -10.80 -5.75
N VAL A 110 14.36 -10.80 -4.93
CA VAL A 110 13.23 -9.85 -5.09
C VAL A 110 13.75 -8.41 -5.07
N LEU A 111 14.63 -8.11 -4.13
CA LEU A 111 15.21 -6.78 -4.04
C LEU A 111 16.03 -6.39 -5.28
N ARG A 112 16.82 -7.32 -5.80
CA ARG A 112 17.65 -7.04 -6.97
C ARG A 112 16.76 -6.83 -8.17
N GLU A 113 15.68 -7.61 -8.30
CA GLU A 113 14.74 -7.48 -9.40
C GLU A 113 13.93 -6.17 -9.31
N LEU A 114 13.68 -5.68 -8.09
CA LEU A 114 12.93 -4.43 -7.86
C LEU A 114 13.69 -3.14 -8.20
N VAL A 115 15.00 -3.13 -7.93
CA VAL A 115 15.77 -1.87 -7.96
C VAL A 115 15.73 -1.16 -9.33
N PRO A 116 15.94 -1.89 -10.43
CA PRO A 116 15.68 -1.37 -11.78
C PRO A 116 14.34 -0.68 -11.95
N ILE A 117 13.29 -1.30 -11.42
CA ILE A 117 11.90 -0.84 -11.52
C ILE A 117 11.59 0.43 -10.70
N VAL A 118 12.29 0.62 -9.58
CA VAL A 118 12.04 1.78 -8.71
C VAL A 118 13.22 2.76 -8.63
N GLU A 119 14.28 2.49 -9.38
CA GLU A 119 15.48 3.32 -9.48
C GLU A 119 15.17 4.84 -9.49
N GLU A 120 14.34 5.27 -10.45
CA GLU A 120 14.03 6.68 -10.64
C GLU A 120 13.15 7.25 -9.52
N ARG A 121 12.43 6.37 -8.82
CA ARG A 121 11.55 6.79 -7.72
C ARG A 121 12.40 6.92 -6.47
N ARG A 122 13.08 8.06 -6.33
CA ARG A 122 14.05 8.22 -5.27
C ARG A 122 13.42 8.52 -3.91
N ASN A 123 12.10 8.68 -3.89
CA ASN A 123 11.38 8.69 -2.62
C ASN A 123 11.07 7.26 -2.10
N ILE A 124 11.55 6.24 -2.80
CA ILE A 124 11.51 4.85 -2.32
C ILE A 124 12.94 4.45 -1.95
N ILE A 125 13.11 3.96 -0.72
CA ILE A 125 14.37 3.44 -0.21
C ILE A 125 14.18 1.93 0.04
N PRO A 126 14.60 1.09 -0.91
CA PRO A 126 14.43 -0.36 -0.77
C PRO A 126 15.46 -0.89 0.22
N ILE A 127 14.99 -1.64 1.22
CA ILE A 127 15.83 -2.17 2.29
C ILE A 127 15.58 -3.67 2.43
N LEU A 128 16.68 -4.43 2.54
CA LEU A 128 16.60 -5.84 2.87
C LEU A 128 16.29 -6.00 4.35
N GLY A 129 15.24 -6.78 4.64
CA GLY A 129 14.87 -6.97 6.02
C GLY A 129 13.84 -8.05 6.23
N ASP A 130 13.84 -8.54 7.46
CA ASP A 130 12.88 -9.54 7.89
C ASP A 130 11.88 -8.81 8.75
N ALA A 131 10.69 -8.60 8.16
CA ALA A 131 9.59 -7.85 8.78
C ALA A 131 9.13 -8.38 10.14
N THR A 132 9.37 -9.69 10.41
CA THR A 132 9.12 -10.27 11.72
C THR A 132 10.07 -9.76 12.84
N LYS A 133 11.24 -9.23 12.44
CA LYS A 133 12.26 -8.71 13.36
C LYS A 133 12.59 -7.23 13.07
N PRO A 134 11.63 -6.33 13.26
CA PRO A 134 11.77 -4.95 12.77
C PRO A 134 13.00 -4.17 13.30
N GLU A 135 13.49 -4.56 14.47
CA GLU A 135 14.64 -3.90 15.08
C GLU A 135 15.94 -4.06 14.26
N GLU A 136 16.01 -5.06 13.38
CA GLU A 136 17.20 -5.29 12.54
C GLU A 136 17.43 -4.16 11.53
N TYR A 137 16.39 -3.42 11.19
CA TYR A 137 16.55 -2.26 10.29
C TYR A 137 16.39 -0.90 10.96
N ARG A 138 16.61 -0.87 12.27
CA ARG A 138 16.46 0.34 13.07
C ARG A 138 17.30 1.51 12.57
N ALA A 139 18.55 1.21 12.24
CA ALA A 139 19.49 2.20 11.70
C ALA A 139 19.08 2.78 10.33
N LEU A 140 18.21 2.06 9.60
CA LEU A 140 17.87 2.47 8.22
C LEU A 140 16.48 3.11 8.08
N VAL A 141 15.71 3.06 9.15
CA VAL A 141 14.32 3.51 9.10
C VAL A 141 14.05 4.49 10.25
N THR A 142 13.33 5.57 9.96
CA THR A 142 12.88 6.52 10.98
C THR A 142 11.41 6.31 11.36
N LYS A 143 10.91 7.09 12.31
CA LYS A 143 9.48 7.12 12.65
C LYS A 143 8.65 7.51 11.43
N VAL A 144 7.52 6.84 11.23
CA VAL A 144 6.76 7.05 10.00
C VAL A 144 5.35 7.43 10.34
N ASP A 145 4.67 8.04 9.37
CA ASP A 145 3.24 8.36 9.48
C ASP A 145 2.31 7.16 9.26
N VAL A 146 2.75 6.21 8.45
CA VAL A 146 1.89 5.11 8.01
C VAL A 146 2.77 3.89 7.88
N ILE A 147 2.23 2.73 8.26
CA ILE A 147 2.77 1.45 7.82
C ILE A 147 1.77 0.85 6.82
N PHE A 148 2.28 0.39 5.68
CA PHE A 148 1.45 -0.37 4.76
C PHE A 148 2.06 -1.77 4.68
N GLU A 149 1.23 -2.80 4.81
CA GLU A 149 1.78 -4.16 4.90
C GLU A 149 1.07 -5.13 3.96
N ASP A 150 1.89 -5.87 3.21
CA ASP A 150 1.38 -6.89 2.32
C ASP A 150 2.35 -8.07 2.43
N VAL A 151 2.11 -8.91 3.43
CA VAL A 151 3.02 -9.98 3.82
C VAL A 151 2.09 -11.19 4.09
N ALA A 152 2.20 -12.19 3.23
CA ALA A 152 1.30 -13.35 3.29
C ALA A 152 1.88 -14.40 4.25
N GLN A 153 1.80 -14.11 5.55
CA GLN A 153 2.40 -14.96 6.59
C GLN A 153 1.42 -15.11 7.75
N PRO A 154 1.52 -16.21 8.49
CA PRO A 154 0.54 -16.49 9.55
C PRO A 154 0.56 -15.43 10.66
N THR A 155 1.73 -14.85 10.96
CA THR A 155 1.79 -13.82 12.00
C THR A 155 1.72 -12.39 11.47
N GLN A 156 1.11 -12.18 10.32
CA GLN A 156 1.09 -10.85 9.69
C GLN A 156 0.47 -9.72 10.56
N ALA A 157 -0.52 -10.04 11.38
CA ALA A 157 -1.02 -9.06 12.35
C ALA A 157 0.04 -8.66 13.39
N LYS A 158 0.69 -9.64 14.00
CA LYS A 158 1.78 -9.36 14.96
C LYS A 158 2.96 -8.60 14.26
N ILE A 159 3.27 -8.95 13.02
CA ILE A 159 4.24 -8.20 12.24
C ILE A 159 3.84 -6.71 12.24
N LEU A 160 2.57 -6.44 11.98
CA LEU A 160 2.10 -5.06 11.96
C LEU A 160 2.27 -4.37 13.31
N ILE A 161 1.83 -5.04 14.37
CA ILE A 161 1.99 -4.48 15.72
C ILE A 161 3.47 -4.23 16.06
N ASP A 162 4.33 -5.20 15.78
CA ASP A 162 5.74 -5.10 16.16
C ASP A 162 6.43 -3.96 15.40
N ASN A 163 6.13 -3.83 14.10
CA ASN A 163 6.68 -2.69 13.34
C ASN A 163 6.11 -1.36 13.81
N ALA A 164 4.84 -1.36 14.22
CA ALA A 164 4.21 -0.14 14.75
C ALA A 164 4.81 0.27 16.10
N LYS A 165 5.04 -0.71 16.95
CA LYS A 165 5.72 -0.43 18.21
C LYS A 165 7.09 0.23 17.95
N ALA A 166 7.80 -0.27 16.95
CA ALA A 166 9.15 0.20 16.66
C ALA A 166 9.20 1.54 15.92
N TYR A 167 8.28 1.74 14.96
CA TYR A 167 8.41 2.83 14.00
C TYR A 167 7.24 3.79 13.78
N LEU A 168 6.03 3.40 14.17
CA LEU A 168 4.84 4.19 13.87
C LEU A 168 4.68 5.33 14.87
N LYS A 169 4.57 6.56 14.37
CA LYS A 169 4.23 7.68 15.25
C LYS A 169 2.93 7.40 15.99
N ARG A 170 2.84 7.88 17.24
CA ARG A 170 1.55 7.97 17.90
C ARG A 170 0.58 8.76 17.03
N GLY A 171 -0.66 8.30 16.97
CA GLY A 171 -1.64 8.89 16.06
C GLY A 171 -1.50 8.39 14.61
N GLY A 172 -0.41 7.71 14.32
CA GLY A 172 -0.17 7.22 12.96
C GLY A 172 -1.07 6.04 12.64
N TYR A 173 -1.06 5.65 11.37
CA TYR A 173 -1.95 4.62 10.86
C TYR A 173 -1.25 3.37 10.31
N GLY A 174 -1.97 2.25 10.30
CA GLY A 174 -1.53 1.08 9.58
C GLY A 174 -2.56 0.66 8.56
N MET A 175 -2.11 0.01 7.49
CA MET A 175 -3.00 -0.57 6.49
C MET A 175 -2.41 -1.93 6.20
N ILE A 176 -3.26 -2.94 6.11
CA ILE A 176 -2.75 -4.29 5.93
C ILE A 176 -3.69 -5.08 5.06
N ALA A 177 -3.13 -5.60 3.98
CA ALA A 177 -3.87 -6.45 3.04
C ALA A 177 -3.67 -7.89 3.49
N VAL A 178 -4.78 -8.50 3.94
CA VAL A 178 -4.75 -9.85 4.48
C VAL A 178 -5.28 -10.91 3.50
N LYS A 179 -4.41 -11.83 3.09
CA LYS A 179 -4.82 -13.03 2.36
C LYS A 179 -5.20 -14.08 3.40
N SER A 180 -6.50 -14.34 3.51
CA SER A 180 -7.05 -15.26 4.48
C SER A 180 -6.29 -16.59 4.56
N ARG A 181 -6.12 -17.21 3.40
CA ARG A 181 -5.50 -18.54 3.29
C ARG A 181 -4.06 -18.60 3.75
N SER A 182 -3.37 -17.46 3.78
CA SER A 182 -1.97 -17.41 4.20
C SER A 182 -1.80 -17.49 5.73
N ILE A 183 -2.88 -17.28 6.44
CA ILE A 183 -2.88 -17.45 7.89
C ILE A 183 -3.40 -18.84 8.25
N ASP A 184 -4.47 -19.26 7.58
CA ASP A 184 -5.11 -20.54 7.88
C ASP A 184 -6.01 -21.04 6.72
N VAL A 185 -5.54 -22.08 6.03
CA VAL A 185 -6.24 -22.62 4.87
C VAL A 185 -7.55 -23.35 5.19
N THR A 186 -7.69 -23.80 6.44
CA THR A 186 -8.85 -24.61 6.84
C THR A 186 -10.05 -23.74 7.28
N LYS A 187 -9.80 -22.76 8.15
CA LYS A 187 -10.85 -21.86 8.65
C LYS A 187 -11.53 -21.06 7.53
N GLU A 188 -12.82 -20.75 7.72
CA GLU A 188 -13.54 -19.82 6.84
C GLU A 188 -12.83 -18.46 6.83
N PRO A 189 -12.71 -17.85 5.64
CA PRO A 189 -12.16 -16.49 5.53
C PRO A 189 -12.71 -15.46 6.55
N GLU A 190 -14.04 -15.46 6.75
CA GLU A 190 -14.69 -14.52 7.67
C GLU A 190 -14.22 -14.72 9.13
N GLN A 191 -14.02 -15.99 9.50
CA GLN A 191 -13.46 -16.37 10.79
C GLN A 191 -12.00 -15.91 10.94
N VAL A 192 -11.17 -16.16 9.93
CA VAL A 192 -9.79 -15.65 9.90
C VAL A 192 -9.75 -14.11 10.07
N PHE A 193 -10.59 -13.41 9.32
CA PHE A 193 -10.68 -11.97 9.44
C PHE A 193 -11.12 -11.51 10.84
N LYS A 194 -12.01 -12.27 11.47
CA LYS A 194 -12.50 -11.93 12.82
C LYS A 194 -11.35 -12.05 13.84
N GLU A 195 -10.52 -13.07 13.64
CA GLU A 195 -9.33 -13.30 14.45
C GLU A 195 -8.27 -12.23 14.28
N VAL A 196 -8.01 -11.88 13.02
CA VAL A 196 -7.10 -10.78 12.72
C VAL A 196 -7.59 -9.48 13.35
N GLU A 197 -8.89 -9.19 13.20
CA GLU A 197 -9.43 -7.96 13.78
C GLU A 197 -9.24 -7.94 15.32
N ARG A 198 -9.52 -9.07 15.96
CA ARG A 198 -9.30 -9.19 17.40
C ARG A 198 -7.84 -9.00 17.83
N LEU A 199 -6.90 -9.68 17.15
CA LEU A 199 -5.46 -9.52 17.47
C LEU A 199 -4.99 -8.08 17.27
N LEU A 200 -5.42 -7.45 16.16
CA LEU A 200 -5.02 -6.06 15.90
C LEU A 200 -5.57 -5.14 16.98
N SER A 201 -6.84 -5.39 17.39
CA SER A 201 -7.51 -4.55 18.41
C SER A 201 -6.88 -4.57 19.80
N GLU A 202 -6.02 -5.56 20.09
CA GLU A 202 -5.23 -5.52 21.32
C GLU A 202 -4.28 -4.33 21.36
N TYR A 203 -3.90 -3.83 20.18
CA TYR A 203 -2.91 -2.75 20.12
C TYR A 203 -3.47 -1.49 19.47
N PHE A 204 -4.25 -1.68 18.41
CA PHE A 204 -4.75 -0.60 17.58
C PHE A 204 -6.22 -0.35 17.82
N GLU A 205 -6.64 0.86 17.47
CA GLU A 205 -8.02 1.15 17.11
C GLU A 205 -8.22 0.64 15.67
N VAL A 206 -9.15 -0.25 15.46
CA VAL A 206 -9.49 -0.71 14.10
C VAL A 206 -10.53 0.25 13.51
N ILE A 207 -10.12 0.93 12.44
CA ILE A 207 -10.88 2.01 11.85
C ILE A 207 -11.78 1.49 10.75
N GLU A 208 -11.27 0.55 9.95
CA GLU A 208 -12.01 0.07 8.79
C GLU A 208 -11.54 -1.27 8.31
N ARG A 209 -12.45 -2.04 7.75
CA ARG A 209 -12.11 -3.28 7.07
C ARG A 209 -13.00 -3.46 5.84
N LEU A 210 -12.38 -3.78 4.71
CA LEU A 210 -13.11 -3.91 3.46
C LEU A 210 -12.57 -5.08 2.64
N ASN A 211 -13.47 -5.95 2.18
CA ASN A 211 -13.14 -7.02 1.23
C ASN A 211 -12.66 -6.50 -0.12
N LEU A 212 -11.90 -7.32 -0.83
CA LEU A 212 -11.25 -6.90 -2.07
C LEU A 212 -11.84 -7.60 -3.31
N GLU A 213 -12.88 -8.40 -3.10
CA GLU A 213 -13.59 -9.04 -4.21
C GLU A 213 -14.17 -7.95 -5.14
N PRO A 214 -14.17 -8.15 -6.47
CA PRO A 214 -13.69 -9.37 -7.15
C PRO A 214 -12.24 -9.38 -7.60
N TYR A 215 -11.47 -8.33 -7.26
CA TYR A 215 -10.07 -8.22 -7.65
C TYR A 215 -9.21 -9.29 -6.99
N GLU A 216 -9.54 -9.61 -5.74
CA GLU A 216 -8.92 -10.70 -5.01
C GLU A 216 -10.00 -11.59 -4.36
N LYS A 217 -9.65 -12.83 -4.07
CA LYS A 217 -10.58 -13.73 -3.41
C LYS A 217 -10.09 -13.87 -1.99
N ASP A 218 -11.03 -13.84 -1.04
CA ASP A 218 -10.73 -14.02 0.39
C ASP A 218 -9.56 -13.14 0.87
N HIS A 219 -9.61 -11.86 0.50
CA HIS A 219 -8.69 -10.83 1.00
C HIS A 219 -9.53 -9.74 1.60
N ALA A 220 -9.01 -9.14 2.67
CA ALA A 220 -9.61 -7.97 3.24
C ALA A 220 -8.47 -7.00 3.52
N LEU A 221 -8.76 -5.72 3.43
CA LEU A 221 -7.80 -4.73 3.88
C LEU A 221 -8.35 -4.09 5.14
N PHE A 222 -7.47 -3.91 6.11
CA PHE A 222 -7.77 -3.28 7.40
C PHE A 222 -7.07 -1.93 7.48
N VAL A 223 -7.76 -0.89 7.96
CA VAL A 223 -7.06 0.33 8.36
C VAL A 223 -7.11 0.43 9.91
N VAL A 224 -5.98 0.71 10.55
CA VAL A 224 -5.92 0.73 12.00
C VAL A 224 -5.23 2.03 12.38
N ARG A 225 -5.38 2.46 13.62
CA ARG A 225 -4.69 3.66 14.09
C ARG A 225 -3.99 3.39 15.42
N LYS A 226 -2.76 3.88 15.57
CA LYS A 226 -2.01 3.72 16.81
C LYS A 226 -2.43 4.79 17.82
N PRO A 227 -2.87 4.39 19.02
CA PRO A 227 -3.27 5.33 20.09
C PRO A 227 -2.22 6.39 20.44
#